data_5H5N
#
_entry.id   5H5N
#
_cell.length_a   53.847
_cell.length_b   53.847
_cell.length_c   114.927
_cell.angle_alpha   90.00
_cell.angle_beta   90.00
_cell.angle_gamma   90.00
#
_symmetry.space_group_name_H-M   'P 43 21 2'
#
loop_
_entity.id
_entity.type
_entity.pdbx_description
1 polymer 'Non-structural protein 1'
2 water water
#
_entity_poly.entity_id   1
_entity_poly.type   'polypeptide(L)'
_entity_poly.pdbx_seq_one_letter_code
;MEPNPTTIAFQVDCYLWHLKKTLSMMGEVDAPFEDRLRREQKALKGRSMTLGIDIQSATQEGYYKIKSITEESM
;
_entity_poly.pdbx_strand_id   A,B
#
# COMPACT_ATOMS: atom_id res chain seq x y z
N GLU A 2 -19.37 10.22 -10.19
CA GLU A 2 -18.44 9.32 -9.51
C GLU A 2 -17.01 9.46 -10.04
N PRO A 3 -16.02 9.22 -9.16
CA PRO A 3 -14.62 9.24 -9.63
C PRO A 3 -14.29 8.05 -10.53
N ASN A 4 -13.59 8.36 -11.61
CA ASN A 4 -13.06 7.38 -12.53
C ASN A 4 -11.95 6.52 -11.92
N PRO A 5 -11.57 5.43 -12.59
CA PRO A 5 -10.58 4.53 -11.97
C PRO A 5 -9.19 5.13 -11.75
N THR A 6 -8.83 6.16 -12.50
CA THR A 6 -7.58 6.88 -12.29
C THR A 6 -7.60 7.66 -10.96
N THR A 7 -8.71 8.35 -10.72
CA THR A 7 -8.89 9.09 -9.47
C THR A 7 -8.85 8.15 -8.29
N ILE A 8 -9.61 7.06 -8.37
CA ILE A 8 -9.62 6.07 -7.32
C ILE A 8 -8.24 5.46 -7.08
N ALA A 9 -7.53 5.16 -8.17
CA ALA A 9 -6.18 4.62 -8.03
C ALA A 9 -5.30 5.59 -7.26
N PHE A 10 -5.40 6.87 -7.59
CA PHE A 10 -4.66 7.92 -6.87
C PHE A 10 -5.02 8.03 -5.38
N GLN A 11 -6.32 8.03 -5.08
CA GLN A 11 -6.81 8.14 -3.70
C GLN A 11 -6.26 7.00 -2.87
N VAL A 12 -6.39 5.80 -3.42
CA VAL A 12 -5.91 4.61 -2.75
C VAL A 12 -4.40 4.62 -2.56
N ASP A 13 -3.67 5.01 -3.60
CA ASP A 13 -2.22 5.07 -3.50
C ASP A 13 -1.79 6.07 -2.40
N CYS A 14 -2.47 7.21 -2.34
CA CYS A 14 -2.20 8.20 -1.31
C CYS A 14 -2.45 7.66 0.07
N TYR A 15 -3.61 7.04 0.28
CA TYR A 15 -3.89 6.46 1.60
C TYR A 15 -2.87 5.38 2.03
N LEU A 16 -2.57 4.45 1.12
CA LEU A 16 -1.64 3.39 1.44
C LEU A 16 -0.22 3.94 1.71
N TRP A 17 0.15 5.01 0.99
CA TRP A 17 1.42 5.67 1.27
C TRP A 17 1.38 6.25 2.68
N HIS A 18 0.28 6.88 3.05
CA HIS A 18 0.11 7.39 4.41
C HIS A 18 0.34 6.33 5.49
N LEU A 19 -0.21 5.13 5.26
CA LEU A 19 0.02 4.01 6.18
C LEU A 19 1.50 3.60 6.24
N LYS A 20 2.14 3.52 5.08
CA LYS A 20 3.55 3.13 5.06
C LYS A 20 4.45 4.18 5.76
N LYS A 21 4.15 5.45 5.54
CA LYS A 21 4.88 6.55 6.15
C LYS A 21 4.67 6.50 7.67
N THR A 22 3.44 6.23 8.09
CA THR A 22 3.13 6.03 9.50
C THR A 22 4.02 4.95 10.10
N LEU A 23 4.10 3.80 9.44
CA LEU A 23 4.99 2.76 9.94
C LEU A 23 6.46 3.16 9.98
N SER A 24 6.91 3.93 8.99
CA SER A 24 8.30 4.37 8.98
C SER A 24 8.59 5.30 10.15
N MET A 25 7.67 6.21 10.45
N MET A 25 7.64 6.20 10.42
CA MET A 25 7.94 7.14 11.52
CA MET A 25 7.75 7.16 11.50
C MET A 25 7.83 6.48 12.90
C MET A 25 7.80 6.49 12.87
N MET A 26 7.23 5.30 12.96
CA MET A 26 7.21 4.51 14.20
C MET A 26 8.47 3.66 14.34
N GLY A 27 9.34 3.74 13.34
CA GLY A 27 10.58 2.99 13.32
C GLY A 27 10.48 1.49 13.08
N GLU A 28 9.36 1.05 12.48
CA GLU A 28 9.01 -0.37 12.38
C GLU A 28 9.47 -1.10 11.11
N VAL A 29 10.02 -0.38 10.14
CA VAL A 29 10.34 -0.96 8.83
C VAL A 29 11.81 -0.78 8.46
N ASP A 30 12.30 -1.55 7.49
CA ASP A 30 13.71 -1.49 7.16
C ASP A 30 14.04 -0.40 6.14
N ALA A 31 15.32 -0.21 5.86
CA ALA A 31 15.76 0.87 4.99
C ALA A 31 15.29 0.72 3.52
N PRO A 32 15.30 -0.51 2.96
CA PRO A 32 14.77 -0.55 1.58
C PRO A 32 13.29 -0.15 1.45
N PHE A 33 12.47 -0.54 2.44
CA PHE A 33 11.08 -0.08 2.52
C PHE A 33 11.02 1.44 2.53
N GLU A 34 11.91 2.08 3.30
CA GLU A 34 11.94 3.54 3.39
C GLU A 34 12.42 4.23 2.10
N ASP A 35 13.41 3.64 1.45
CA ASP A 35 13.82 4.06 0.11
C ASP A 35 12.63 4.06 -0.86
N ARG A 36 11.93 2.92 -0.88
CA ARG A 36 10.72 2.80 -1.71
C ARG A 36 9.73 3.89 -1.35
N LEU A 37 9.55 4.10 -0.06
CA LEU A 37 8.62 5.11 0.44
C LEU A 37 8.95 6.52 -0.07
N ARG A 38 10.22 6.88 -0.03
CA ARG A 38 10.65 8.22 -0.49
C ARG A 38 10.45 8.41 -2.02
N ARG A 39 10.84 7.38 -2.76
CA ARG A 39 10.61 7.35 -4.21
C ARG A 39 9.11 7.56 -4.53
N GLU A 40 8.29 6.79 -3.83
CA GLU A 40 6.83 6.86 -3.93
C GLU A 40 6.27 8.23 -3.55
N GLN A 41 6.86 8.88 -2.54
CA GLN A 41 6.42 10.20 -2.12
C GLN A 41 6.59 11.19 -3.25
N LYS A 42 7.77 11.13 -3.88
CA LYS A 42 7.99 11.99 -5.05
C LYS A 42 7.01 11.69 -6.22
N ALA A 43 6.82 10.40 -6.52
CA ALA A 43 5.88 10.02 -7.60
C ALA A 43 4.46 10.51 -7.35
N LEU A 44 4.04 10.46 -6.10
CA LEU A 44 2.68 10.86 -5.70
C LEU A 44 2.51 12.37 -5.72
N LYS A 45 3.54 13.11 -5.33
CA LYS A 45 3.48 14.57 -5.54
C LYS A 45 3.30 14.90 -7.03
N GLY A 46 4.07 14.18 -7.85
CA GLY A 46 3.96 14.33 -9.29
C GLY A 46 2.55 14.08 -9.79
N ARG A 47 1.98 12.93 -9.42
CA ARG A 47 0.63 12.56 -9.84
C ARG A 47 -0.40 13.58 -9.31
N SER A 48 -0.14 14.13 -8.13
CA SER A 48 -1.01 15.18 -7.57
C SER A 48 -1.05 16.38 -8.52
N MET A 49 0.12 16.84 -8.95
CA MET A 49 0.17 17.94 -9.93
C MET A 49 -0.48 17.60 -11.27
N THR A 50 -0.18 16.41 -11.78
CA THR A 50 -0.71 16.00 -13.08
C THR A 50 -2.24 15.85 -13.09
N LEU A 51 -2.80 15.31 -12.02
CA LEU A 51 -4.24 15.08 -11.95
C LEU A 51 -5.00 16.29 -11.44
N GLY A 52 -4.29 17.24 -10.85
CA GLY A 52 -4.91 18.39 -10.23
C GLY A 52 -5.77 17.95 -9.06
N ILE A 53 -5.23 17.04 -8.26
CA ILE A 53 -5.93 16.55 -7.09
C ILE A 53 -5.05 16.73 -5.87
N ASP A 54 -5.59 17.39 -4.87
CA ASP A 54 -4.90 17.68 -3.62
C ASP A 54 -4.64 16.40 -2.82
N ILE A 55 -3.42 16.25 -2.32
CA ILE A 55 -3.05 15.01 -1.64
C ILE A 55 -3.80 14.73 -0.34
N GLN A 56 -4.04 15.75 0.48
CA GLN A 56 -4.78 15.51 1.72
C GLN A 56 -6.20 14.96 1.48
N SER A 57 -6.93 15.61 0.59
CA SER A 57 -8.27 15.16 0.26
C SER A 57 -8.25 13.73 -0.30
N ALA A 58 -7.33 13.47 -1.23
CA ALA A 58 -7.24 12.17 -1.86
C ALA A 58 -6.96 11.10 -0.83
N THR A 59 -6.09 11.44 0.13
CA THR A 59 -5.75 10.52 1.21
C THR A 59 -7.04 10.21 2.01
N GLN A 60 -7.84 11.24 2.25
CA GLN A 60 -9.11 11.02 2.98
C GLN A 60 -10.05 10.07 2.24
N GLU A 61 -10.20 10.33 0.94
CA GLU A 61 -11.04 9.47 0.10
C GLU A 61 -10.54 8.03 0.06
N GLY A 62 -9.23 7.90 -0.02
CA GLY A 62 -8.58 6.60 -0.06
C GLY A 62 -8.87 5.84 1.20
N TYR A 63 -8.80 6.54 2.32
CA TYR A 63 -9.20 5.97 3.59
C TYR A 63 -10.60 5.40 3.47
N TYR A 64 -11.55 6.19 2.98
CA TYR A 64 -12.91 5.64 2.87
C TYR A 64 -13.03 4.43 1.95
N LYS A 65 -12.39 4.46 0.78
CA LYS A 65 -12.42 3.31 -0.13
C LYS A 65 -11.87 2.01 0.51
N ILE A 66 -10.72 2.13 1.15
CA ILE A 66 -10.13 0.98 1.83
C ILE A 66 -11.03 0.49 2.96
N LYS A 67 -11.53 1.42 3.76
CA LYS A 67 -12.45 1.09 4.86
C LYS A 67 -13.61 0.26 4.33
N SER A 68 -14.19 0.75 3.23
CA SER A 68 -15.31 0.06 2.61
C SER A 68 -14.95 -1.35 2.17
N ILE A 69 -13.77 -1.57 1.60
CA ILE A 69 -13.46 -2.96 1.26
C ILE A 69 -12.95 -3.85 2.42
N THR A 70 -12.63 -3.26 3.56
CA THR A 70 -12.12 -4.06 4.68
C THR A 70 -13.15 -4.32 5.78
N GLU A 71 -14.23 -3.55 5.79
CA GLU A 71 -15.36 -3.93 6.64
C GLU A 71 -16.38 -4.71 5.82
N GLU A 72 -16.13 -4.78 4.52
CA GLU A 72 -16.86 -5.71 3.66
C GLU A 72 -16.30 -7.12 3.88
N GLU B 2 10.23 -12.03 18.22
CA GLU B 2 9.55 -10.83 17.72
C GLU B 2 10.06 -10.51 16.33
N PRO B 3 9.18 -9.96 15.47
CA PRO B 3 9.53 -9.69 14.05
C PRO B 3 10.49 -8.52 13.84
N ASN B 4 11.54 -8.75 13.05
CA ASN B 4 12.43 -7.69 12.61
C ASN B 4 11.80 -6.75 11.54
N PRO B 5 12.39 -5.56 11.33
CA PRO B 5 11.77 -4.57 10.41
C PRO B 5 11.73 -5.01 8.95
N THR B 6 12.62 -5.90 8.55
CA THR B 6 12.54 -6.52 7.21
C THR B 6 11.30 -7.40 7.10
N THR B 7 11.06 -8.19 8.15
CA THR B 7 9.90 -9.06 8.22
C THR B 7 8.60 -8.25 8.24
N ILE B 8 8.55 -7.23 9.10
CA ILE B 8 7.40 -6.35 9.18
C ILE B 8 7.16 -5.64 7.83
N ALA B 9 8.23 -5.16 7.21
CA ALA B 9 8.09 -4.54 5.90
C ALA B 9 7.48 -5.52 4.88
N PHE B 10 7.94 -6.76 4.89
CA PHE B 10 7.36 -7.78 4.01
C PHE B 10 5.87 -8.03 4.28
N GLN B 11 5.54 -8.19 5.56
CA GLN B 11 4.18 -8.46 5.97
C GLN B 11 3.25 -7.33 5.51
N VAL B 12 3.67 -6.10 5.77
CA VAL B 12 2.87 -4.94 5.38
C VAL B 12 2.73 -4.86 3.86
N ASP B 13 3.84 -5.06 3.15
CA ASP B 13 3.81 -5.01 1.67
C ASP B 13 2.84 -6.05 1.10
N CYS B 14 2.86 -7.26 1.67
CA CYS B 14 1.95 -8.32 1.22
C CYS B 14 0.49 -7.97 1.44
N TYR B 15 0.18 -7.50 2.64
CA TYR B 15 -1.20 -7.09 2.93
C TYR B 15 -1.68 -5.96 2.01
N LEU B 16 -0.85 -4.94 1.86
CA LEU B 16 -1.23 -3.80 1.02
C LEU B 16 -1.39 -4.21 -0.44
N TRP B 17 -0.54 -5.14 -0.89
CA TRP B 17 -0.71 -5.67 -2.24
C TRP B 17 -2.07 -6.38 -2.32
N HIS B 18 -2.42 -7.14 -1.30
CA HIS B 18 -3.74 -7.80 -1.24
C HIS B 18 -4.92 -6.82 -1.37
N LEU B 19 -4.84 -5.69 -0.67
CA LEU B 19 -5.89 -4.65 -0.82
C LEU B 19 -5.95 -4.11 -2.25
N LYS B 20 -4.78 -3.83 -2.81
CA LYS B 20 -4.76 -3.30 -4.19
C LYS B 20 -5.29 -4.32 -5.21
N LYS B 21 -4.94 -5.59 -5.01
CA LYS B 21 -5.45 -6.66 -5.87
C LYS B 21 -6.97 -6.78 -5.75
N THR B 22 -7.47 -6.69 -4.51
CA THR B 22 -8.90 -6.64 -4.25
C THR B 22 -9.59 -5.55 -5.02
N LEU B 23 -9.04 -4.34 -4.99
CA LEU B 23 -9.61 -3.26 -5.78
C LEU B 23 -9.55 -3.55 -7.29
N SER B 24 -8.47 -4.17 -7.73
CA SER B 24 -8.37 -4.49 -9.15
C SER B 24 -9.47 -5.49 -9.58
N MET B 25 -9.77 -6.46 -8.71
CA MET B 25 -10.75 -7.51 -9.02
C MET B 25 -12.15 -6.93 -9.05
N MET B 26 -12.32 -5.78 -8.41
CA MET B 26 -13.58 -5.07 -8.41
C MET B 26 -13.71 -4.17 -9.63
N GLY B 27 -12.67 -4.06 -10.43
CA GLY B 27 -12.70 -3.17 -11.58
C GLY B 27 -12.64 -1.69 -11.23
N GLU B 28 -12.13 -1.35 -10.05
CA GLU B 28 -12.17 0.02 -9.52
C GLU B 28 -10.97 0.91 -9.88
N VAL B 29 -9.93 0.32 -10.46
CA VAL B 29 -8.67 1.01 -10.71
C VAL B 29 -8.25 0.98 -12.19
N ASP B 30 -7.31 1.85 -12.57
CA ASP B 30 -6.90 1.99 -13.99
C ASP B 30 -5.77 1.07 -14.40
N ALA B 31 -5.43 1.09 -15.69
CA ALA B 31 -4.40 0.19 -16.19
C ALA B 31 -2.99 0.41 -15.63
N PRO B 32 -2.54 1.67 -15.45
CA PRO B 32 -1.22 1.82 -14.83
C PRO B 32 -1.13 1.26 -13.41
N PHE B 33 -2.20 1.41 -12.65
CA PHE B 33 -2.30 0.81 -11.31
C PHE B 33 -2.12 -0.71 -11.38
N GLU B 34 -2.78 -1.33 -12.36
CA GLU B 34 -2.67 -2.77 -12.53
C GLU B 34 -1.31 -3.23 -13.04
N ASP B 35 -0.69 -2.44 -13.92
CA ASP B 35 0.72 -2.67 -14.28
C ASP B 35 1.65 -2.68 -13.07
N ARG B 36 1.52 -1.63 -12.26
CA ARG B 36 2.29 -1.56 -11.02
C ARG B 36 2.04 -2.80 -10.17
N LEU B 37 0.77 -3.18 -10.05
CA LEU B 37 0.41 -4.36 -9.28
C LEU B 37 1.09 -5.64 -9.80
N ARG B 38 1.12 -5.84 -11.12
CA ARG B 38 1.81 -7.02 -11.68
C ARG B 38 3.33 -7.06 -11.41
N ARG B 39 3.99 -5.92 -11.64
CA ARG B 39 5.43 -5.85 -11.34
C ARG B 39 5.69 -6.11 -9.84
N GLU B 40 4.90 -5.45 -8.98
CA GLU B 40 5.00 -5.66 -7.53
C GLU B 40 4.75 -7.11 -7.12
N GLN B 41 3.84 -7.79 -7.82
CA GLN B 41 3.59 -9.20 -7.54
C GLN B 41 4.85 -10.03 -7.74
N LYS B 42 5.55 -9.79 -8.84
CA LYS B 42 6.80 -10.51 -9.02
C LYS B 42 7.85 -10.18 -7.94
N ALA B 43 7.99 -8.90 -7.62
CA ALA B 43 8.95 -8.51 -6.57
C ALA B 43 8.65 -9.13 -5.22
N LEU B 44 7.36 -9.22 -4.89
CA LEU B 44 6.92 -9.79 -3.62
C LEU B 44 7.10 -11.30 -3.57
N LYS B 45 6.86 -11.97 -4.68
CA LYS B 45 7.17 -13.40 -4.76
C LYS B 45 8.67 -13.67 -4.56
N GLY B 46 9.49 -12.85 -5.23
CA GLY B 46 10.93 -12.94 -5.08
C GLY B 46 11.35 -12.77 -3.63
N ARG B 47 10.82 -11.75 -2.99
CA ARG B 47 11.15 -11.49 -1.59
C ARG B 47 10.67 -12.61 -0.69
N SER B 48 9.56 -13.24 -1.07
CA SER B 48 9.05 -14.37 -0.32
C SER B 48 10.11 -15.47 -0.33
N MET B 49 10.63 -15.76 -1.52
CA MET B 49 11.72 -16.74 -1.63
C MET B 49 12.98 -16.37 -0.85
N THR B 50 13.40 -15.12 -0.98
CA THR B 50 14.63 -14.68 -0.32
C THR B 50 14.52 -14.73 1.20
N LEU B 51 13.36 -14.32 1.71
CA LEU B 51 13.17 -14.26 3.14
C LEU B 51 12.72 -15.60 3.69
N GLY B 52 12.24 -16.48 2.82
CA GLY B 52 11.69 -17.75 3.25
C GLY B 52 10.45 -17.55 4.11
N ILE B 53 9.56 -16.67 3.65
CA ILE B 53 8.30 -16.41 4.35
C ILE B 53 7.15 -16.58 3.37
N ASP B 54 6.19 -17.41 3.74
CA ASP B 54 5.03 -17.66 2.91
C ASP B 54 4.12 -16.42 2.80
N ILE B 55 3.67 -16.12 1.59
CA ILE B 55 2.86 -14.92 1.32
C ILE B 55 1.52 -14.91 2.07
N GLN B 56 0.88 -16.07 2.18
CA GLN B 56 -0.39 -16.16 2.90
C GLN B 56 -0.26 -15.72 4.36
N SER B 57 0.73 -16.32 5.01
CA SER B 57 1.05 -16.01 6.39
C SER B 57 1.37 -14.54 6.55
N ALA B 58 2.26 -14.06 5.68
CA ALA B 58 2.74 -12.67 5.77
C ALA B 58 1.58 -11.70 5.58
N THR B 59 0.71 -12.01 4.63
CA THR B 59 -0.46 -11.18 4.35
C THR B 59 -1.34 -11.06 5.59
N GLN B 60 -1.57 -12.19 6.25
CA GLN B 60 -2.41 -12.19 7.45
C GLN B 60 -1.78 -11.31 8.55
N GLU B 61 -0.48 -11.51 8.74
CA GLU B 61 0.26 -10.73 9.74
C GLU B 61 0.22 -9.23 9.43
N GLY B 62 0.34 -8.91 8.14
CA GLY B 62 0.28 -7.53 7.69
C GLY B 62 -1.07 -6.93 8.01
N TYR B 63 -2.11 -7.72 7.79
CA TYR B 63 -3.46 -7.33 8.19
C TYR B 63 -3.45 -6.90 9.66
N TYR B 64 -2.88 -7.74 10.52
CA TYR B 64 -2.88 -7.36 11.94
C TYR B 64 -2.09 -6.09 12.23
N LYS B 65 -0.92 -5.94 11.61
CA LYS B 65 -0.12 -4.72 11.79
C LYS B 65 -0.86 -3.43 11.39
N ILE B 66 -1.48 -3.45 10.21
CA ILE B 66 -2.24 -2.30 9.74
C ILE B 66 -3.44 -2.04 10.65
N LYS B 67 -4.14 -3.11 11.02
CA LYS B 67 -5.24 -3.02 11.97
C LYS B 67 -4.79 -2.28 13.22
N SER B 68 -3.68 -2.73 13.79
CA SER B 68 -3.14 -2.14 15.00
C SER B 68 -2.84 -0.65 14.84
N ILE B 69 -2.31 -0.23 13.68
CA ILE B 69 -2.10 1.21 13.55
C ILE B 69 -3.34 2.01 13.11
N THR B 70 -4.43 1.33 12.73
CA THR B 70 -5.62 2.06 12.30
C THR B 70 -6.79 2.08 13.30
N GLU B 71 -6.80 1.18 14.28
CA GLU B 71 -7.79 1.28 15.37
C GLU B 71 -7.21 2.09 16.53
N GLU B 72 -5.89 2.25 16.49
CA GLU B 72 -5.15 3.17 17.35
C GLU B 72 -5.23 4.60 16.83
#